data_3CZD
#
_entry.id   3CZD
#
_cell.length_a   139.520
_cell.length_b   139.520
_cell.length_c   153.950
_cell.angle_alpha   90.00
_cell.angle_beta   90.00
_cell.angle_gamma   90.00
#
_symmetry.space_group_name_H-M   'I 41 2 2'
#
loop_
_entity.id
_entity.type
_entity.pdbx_description
1 polymer 'Glutaminase kidney isoform'
2 non-polymer 'SULFATE ION'
3 non-polymer 'GLUTAMIC ACID'
4 non-polymer GLYCEROL
5 water water
#
_entity_poly.entity_id   1
_entity_poly.type   'polypeptide(L)'
_entity_poly.pdbx_seq_one_letter_code
;SMIPDFMSFTSHIDELYESAKKQSGGKVADYIPQLAKFSPDLWGVSVCTVDGQRHSTGDTKVPFCLQSCVKPLKYAIAVN
DLGTEYVHRYVGKEPSGLRFNKLFLNEDDKPHNPMVNAGAIVVTSLIKQGVNNAEKFDYVMQFLNKMAGNEYVGFSNATF
QSERESGDRNFAIGYYLKEKKCFPEGTDMVGILDFYFQLCSIEVTCESASVMAATLANGGFCPITGERVLSPEAVRNTLS
LMHSCGMYDFSGQFAFHVGLPAKSGVAGGILLVVPNVMGMMCWSPPLDKMGNSVKGIHFCHDLVSLCNFHNYDNL
;
_entity_poly.pdbx_strand_id   A
#
# COMPACT_ATOMS: atom_id res chain seq x y z
N PRO A 4 -25.41 -5.21 -6.98
CA PRO A 4 -26.85 -5.20 -7.32
C PRO A 4 -27.49 -3.82 -7.09
N ASP A 5 -27.57 -3.37 -5.84
CA ASP A 5 -28.17 -2.07 -5.49
C ASP A 5 -27.14 -1.20 -4.80
N PHE A 6 -26.46 -0.36 -5.59
CA PHE A 6 -25.35 0.44 -5.09
C PHE A 6 -25.77 1.45 -4.04
N MET A 7 -26.93 2.07 -4.22
CA MET A 7 -27.40 3.10 -3.28
C MET A 7 -27.67 2.53 -1.89
N SER A 8 -28.15 1.29 -1.84
CA SER A 8 -28.37 0.63 -0.56
C SER A 8 -27.08 0.07 0.05
N PHE A 9 -26.13 -0.34 -0.80
CA PHE A 9 -24.79 -0.70 -0.33
C PHE A 9 -24.09 0.51 0.31
N THR A 10 -24.25 1.65 -0.34
CA THR A 10 -23.77 2.96 0.11
C THR A 10 -24.25 3.39 1.51
N SER A 11 -25.53 3.10 1.82
CA SER A 11 -26.10 3.34 3.14
C SER A 11 -25.47 2.50 4.23
N HIS A 12 -25.16 1.26 3.89
CA HIS A 12 -24.45 0.38 4.80
C HIS A 12 -23.02 0.83 5.07
N ILE A 13 -22.29 1.23 4.02
CA ILE A 13 -20.95 1.80 4.18
C ILE A 13 -20.98 2.99 5.15
N ASP A 14 -22.01 3.83 5.05
CA ASP A 14 -22.14 5.02 5.91
C ASP A 14 -22.39 4.66 7.37
N GLU A 15 -23.19 3.63 7.61
CA GLU A 15 -23.37 3.08 8.96
C GLU A 15 -22.09 2.45 9.54
N LEU A 16 -21.40 1.67 8.72
CA LEU A 16 -20.09 1.12 9.11
C LEU A 16 -19.08 2.23 9.43
N TYR A 17 -18.99 3.23 8.56
CA TYR A 17 -18.22 4.46 8.79
C TYR A 17 -18.56 5.06 10.16
N GLU A 18 -19.84 5.17 10.44
CA GLU A 18 -20.31 5.85 11.62
C GLU A 18 -20.00 5.09 12.91
N SER A 19 -20.04 3.77 12.83
CA SER A 19 -19.68 2.91 13.96
C SER A 19 -18.16 2.92 14.23
N ALA A 20 -17.35 2.81 13.17
CA ALA A 20 -15.88 2.91 13.30
C ALA A 20 -15.43 4.26 13.86
N LYS A 21 -16.16 5.33 13.53
CA LYS A 21 -15.90 6.70 14.03
C LYS A 21 -15.88 6.84 15.56
N LYS A 22 -16.72 6.10 16.25
CA LYS A 22 -16.79 6.13 17.72
C LYS A 22 -15.56 5.47 18.37
N GLN A 23 -14.72 4.87 17.53
CA GLN A 23 -13.58 4.10 17.97
C GLN A 23 -12.36 5.05 18.01
N SER A 24 -12.09 5.61 19.17
CA SER A 24 -11.13 6.70 19.31
C SER A 24 -9.75 6.30 19.85
N GLY A 25 -9.49 5.00 19.97
CA GLY A 25 -8.17 4.57 20.42
C GLY A 25 -7.05 4.84 19.41
N GLY A 26 -5.83 4.54 19.84
CA GLY A 26 -4.68 4.58 18.99
C GLY A 26 -3.86 5.84 19.15
N LYS A 27 -2.72 5.84 18.48
CA LYS A 27 -1.75 6.92 18.57
C LYS A 27 -1.26 7.30 17.17
N VAL A 28 -1.31 8.58 16.84
CA VAL A 28 -0.80 9.11 15.58
C VAL A 28 0.72 8.92 15.55
N ALA A 29 1.25 8.44 14.42
CA ALA A 29 2.70 8.25 14.33
C ALA A 29 3.36 9.62 14.50
N ASP A 30 4.51 9.63 15.15
CA ASP A 30 5.20 10.87 15.45
C ASP A 30 6.70 10.80 15.30
N TYR A 31 7.21 9.86 14.51
CA TYR A 31 8.67 9.69 14.40
C TYR A 31 9.22 10.81 13.49
N ILE A 32 8.36 11.34 12.61
CA ILE A 32 8.63 12.62 11.90
C ILE A 32 7.45 13.62 12.12
N PRO A 33 7.73 14.95 12.10
CA PRO A 33 6.68 15.97 12.34
C PRO A 33 5.56 15.98 11.33
N GLN A 34 5.86 15.55 10.10
CA GLN A 34 4.86 15.47 9.04
C GLN A 34 3.80 14.42 9.30
N LEU A 35 4.08 13.44 10.15
CA LEU A 35 3.05 12.48 10.58
C LEU A 35 2.35 12.95 11.83
N ALA A 36 3.12 13.51 12.75
CA ALA A 36 2.64 13.93 14.09
C ALA A 36 1.63 15.09 14.07
N LYS A 37 1.75 15.94 13.03
CA LYS A 37 0.84 17.04 12.70
C LYS A 37 -0.63 16.66 12.66
N PHE A 38 -0.92 15.45 12.20
CA PHE A 38 -2.25 15.10 11.72
C PHE A 38 -3.24 14.94 12.86
N SER A 39 -4.46 15.41 12.64
CA SER A 39 -5.50 15.25 13.61
C SER A 39 -5.90 13.75 13.78
N PRO A 40 -6.09 13.30 15.04
CA PRO A 40 -6.60 11.97 15.29
C PRO A 40 -8.03 11.73 14.84
N ASP A 41 -8.79 12.80 14.64
CA ASP A 41 -10.22 12.69 14.32
C ASP A 41 -10.47 12.64 12.82
N LEU A 42 -9.43 12.78 12.01
CA LEU A 42 -9.57 12.60 10.59
C LEU A 42 -9.93 11.13 10.30
N TRP A 43 -10.95 10.95 9.46
CA TRP A 43 -11.50 9.63 9.16
C TRP A 43 -12.29 9.67 7.88
N GLY A 44 -11.78 9.00 6.85
CA GLY A 44 -12.48 8.87 5.60
C GLY A 44 -12.45 7.47 5.01
N VAL A 45 -13.51 7.12 4.29
CA VAL A 45 -13.62 5.88 3.53
C VAL A 45 -14.12 6.21 2.10
N SER A 46 -13.37 5.78 1.09
CA SER A 46 -13.82 5.86 -0.30
C SER A 46 -13.90 4.48 -0.93
N VAL A 47 -14.99 4.27 -1.69
CA VAL A 47 -15.22 3.07 -2.48
C VAL A 47 -15.22 3.41 -3.98
N CYS A 48 -14.64 2.52 -4.77
CA CYS A 48 -14.73 2.57 -6.22
C CYS A 48 -15.00 1.13 -6.67
N THR A 49 -16.17 0.87 -7.25
CA THR A 49 -16.45 -0.47 -7.73
C THR A 49 -15.69 -0.77 -9.03
N VAL A 50 -15.65 -2.05 -9.35
CA VAL A 50 -15.05 -2.56 -10.59
C VAL A 50 -15.79 -2.05 -11.85
N ASP A 51 -17.04 -1.59 -11.68
CA ASP A 51 -17.81 -0.96 -12.75
C ASP A 51 -17.74 0.57 -12.73
N GLY A 52 -16.91 1.15 -11.85
CA GLY A 52 -16.70 2.61 -11.85
C GLY A 52 -17.64 3.42 -10.98
N GLN A 53 -18.42 2.78 -10.13
CA GLN A 53 -19.27 3.51 -9.19
C GLN A 53 -18.45 3.96 -7.96
N ARG A 54 -18.77 5.15 -7.47
CA ARG A 54 -17.99 5.86 -6.48
C ARG A 54 -18.86 6.24 -5.29
N HIS A 55 -18.32 6.10 -4.08
CA HIS A 55 -18.91 6.65 -2.89
C HIS A 55 -17.82 7.02 -1.90
N SER A 56 -17.94 8.21 -1.30
CA SER A 56 -17.04 8.68 -0.28
C SER A 56 -17.80 9.13 0.96
N THR A 57 -17.19 8.98 2.14
CA THR A 57 -17.74 9.52 3.39
C THR A 57 -16.58 9.95 4.28
N GLY A 58 -16.70 11.16 4.85
CA GLY A 58 -15.70 11.76 5.74
C GLY A 58 -14.60 12.49 5.00
N ASP A 59 -13.39 12.41 5.55
CA ASP A 59 -12.25 13.22 5.08
C ASP A 59 -11.55 12.59 3.89
N THR A 60 -12.26 12.50 2.77
CA THR A 60 -11.79 11.74 1.62
C THR A 60 -11.02 12.55 0.58
N LYS A 61 -10.87 13.87 0.81
CA LYS A 61 -10.13 14.76 -0.09
C LYS A 61 -8.93 15.43 0.56
N VAL A 62 -8.52 14.92 1.71
CA VAL A 62 -7.35 15.40 2.45
C VAL A 62 -6.15 14.54 2.09
N PRO A 63 -5.12 15.14 1.45
CA PRO A 63 -3.99 14.30 1.02
C PRO A 63 -3.21 13.76 2.21
N PHE A 64 -2.68 12.55 2.05
CA PHE A 64 -1.77 11.93 3.00
C PHE A 64 -0.80 11.04 2.22
N CYS A 65 0.31 10.65 2.85
CA CYS A 65 1.34 9.87 2.17
C CYS A 65 0.99 8.37 2.15
N LEU A 66 1.16 7.74 1.00
CA LEU A 66 1.01 6.27 0.87
C LEU A 66 1.85 5.51 1.89
N GLN A 67 3.07 5.97 2.12
CA GLN A 67 4.00 5.29 3.01
C GLN A 67 4.03 3.81 2.58
N SER A 68 3.86 2.83 3.48
CA SER A 68 3.97 1.42 3.10
C SER A 68 2.85 0.94 2.19
N CYS A 69 1.79 1.74 2.01
CA CYS A 69 0.75 1.40 1.03
C CYS A 69 1.27 1.39 -0.41
N VAL A 70 2.39 2.06 -0.67
CA VAL A 70 3.03 2.08 -1.98
C VAL A 70 3.74 0.74 -2.32
N LYS A 71 4.06 -0.05 -1.31
CA LYS A 71 4.80 -1.31 -1.51
C LYS A 71 4.20 -2.30 -2.50
N PRO A 72 2.90 -2.64 -2.38
CA PRO A 72 2.26 -3.46 -3.38
C PRO A 72 2.24 -2.87 -4.80
N LEU A 73 2.17 -1.56 -4.88
CA LEU A 73 2.05 -0.83 -6.14
C LEU A 73 3.37 -0.88 -6.92
N LYS A 74 4.49 -0.69 -6.22
CA LYS A 74 5.78 -0.77 -6.89
C LYS A 74 6.22 -2.21 -7.15
N TYR A 75 5.82 -3.14 -6.28
CA TYR A 75 6.01 -4.56 -6.55
C TYR A 75 5.28 -4.92 -7.86
N ALA A 76 4.03 -4.44 -8.00
CA ALA A 76 3.20 -4.71 -9.19
C ALA A 76 3.80 -4.14 -10.46
N ILE A 77 4.29 -2.92 -10.39
CA ILE A 77 5.04 -2.29 -11.48
C ILE A 77 6.23 -3.14 -11.90
N ALA A 78 6.99 -3.65 -10.93
CA ALA A 78 8.20 -4.47 -11.22
C ALA A 78 7.85 -5.80 -11.89
N VAL A 79 6.82 -6.47 -11.41
CA VAL A 79 6.41 -7.73 -12.01
C VAL A 79 5.84 -7.46 -13.40
N ASN A 80 5.13 -6.35 -13.55
CA ASN A 80 4.56 -5.93 -14.82
C ASN A 80 5.67 -5.77 -15.88
N ASP A 81 6.73 -5.06 -15.52
CA ASP A 81 7.81 -4.74 -16.44
C ASP A 81 8.80 -5.88 -16.61
N LEU A 82 9.03 -6.66 -15.55
CA LEU A 82 10.12 -7.63 -15.51
C LEU A 82 9.71 -9.11 -15.39
N GLY A 83 8.46 -9.39 -15.02
CA GLY A 83 7.99 -10.76 -14.78
C GLY A 83 8.30 -11.33 -13.40
N THR A 84 7.47 -12.27 -12.96
CA THR A 84 7.57 -12.92 -11.64
C THR A 84 8.95 -13.48 -11.33
N GLU A 85 9.50 -14.15 -12.33
CA GLU A 85 10.71 -14.94 -12.15
C GLU A 85 11.92 -14.05 -11.91
N TYR A 86 12.05 -13.00 -12.69
CA TYR A 86 13.15 -12.06 -12.50
C TYR A 86 13.04 -11.39 -11.12
N VAL A 87 11.87 -10.88 -10.79
CA VAL A 87 11.68 -10.18 -9.53
C VAL A 87 12.02 -11.07 -8.34
N HIS A 88 11.61 -12.33 -8.42
CA HIS A 88 11.78 -13.25 -7.28
C HIS A 88 13.11 -13.96 -7.17
N ARG A 89 14.02 -13.63 -8.09
CA ARG A 89 15.45 -13.89 -7.88
C ARG A 89 15.98 -13.03 -6.73
N TYR A 90 15.29 -11.92 -6.46
CA TYR A 90 15.77 -10.92 -5.52
C TYR A 90 15.01 -10.86 -4.22
N VAL A 91 13.76 -11.32 -4.23
CA VAL A 91 12.86 -11.23 -3.10
C VAL A 91 11.97 -12.49 -3.00
N GLY A 92 11.74 -12.96 -1.79
CA GLY A 92 10.86 -14.08 -1.53
C GLY A 92 9.38 -13.79 -1.65
N LYS A 93 8.59 -14.80 -1.30
CA LYS A 93 7.15 -14.76 -1.51
C LYS A 93 6.32 -15.18 -0.31
N GLU A 94 6.79 -14.90 0.89
CA GLU A 94 6.05 -15.36 2.06
C GLU A 94 6.37 -14.61 3.35
N PRO A 95 5.45 -14.69 4.32
CA PRO A 95 5.65 -14.04 5.61
C PRO A 95 6.89 -14.47 6.41
N SER A 96 7.47 -13.51 7.11
CA SER A 96 8.43 -13.75 8.19
C SER A 96 7.71 -13.76 9.55
N GLY A 97 8.45 -14.14 10.60
CA GLY A 97 7.97 -13.97 12.00
C GLY A 97 9.09 -13.54 12.97
N LEU A 98 9.07 -12.30 13.51
CA LEU A 98 8.03 -11.28 13.31
C LEU A 98 8.53 -10.08 12.45
N ARG A 99 7.63 -9.12 12.16
CA ARG A 99 7.81 -8.16 11.05
C ARG A 99 8.95 -7.16 11.30
N LEU A 103 15.68 -7.40 11.55
CA LEU A 103 16.39 -7.33 10.27
C LEU A 103 17.13 -8.63 9.98
N PHE A 104 16.61 -9.38 9.01
CA PHE A 104 17.25 -10.61 8.56
C PHE A 104 16.73 -11.00 7.16
N LEU A 105 17.32 -12.04 6.61
CA LEU A 105 17.01 -12.50 5.28
C LEU A 105 16.51 -13.93 5.39
N ASN A 106 15.95 -14.47 4.32
CA ASN A 106 15.50 -15.86 4.34
C ASN A 106 16.69 -16.82 4.15
N GLU A 107 16.44 -18.11 3.99
CA GLU A 107 17.54 -19.09 3.87
C GLU A 107 18.37 -18.91 2.58
N ASP A 108 17.81 -18.26 1.56
CA ASP A 108 18.58 -17.93 0.33
C ASP A 108 19.21 -16.53 0.36
N ASP A 109 19.31 -15.93 1.54
CA ASP A 109 19.77 -14.53 1.71
C ASP A 109 18.99 -13.53 0.82
N LYS A 110 17.67 -13.70 0.79
CA LYS A 110 16.75 -12.76 0.16
C LYS A 110 15.84 -12.22 1.25
N PRO A 111 15.39 -10.96 1.11
CA PRO A 111 14.29 -10.48 1.97
C PRO A 111 13.05 -11.37 1.81
N HIS A 112 12.32 -11.59 2.89
CA HIS A 112 11.26 -12.59 2.91
C HIS A 112 10.15 -12.33 1.90
N ASN A 113 9.79 -11.07 1.71
CA ASN A 113 8.73 -10.70 0.78
C ASN A 113 8.83 -9.18 0.47
N PRO A 114 8.13 -8.72 -0.59
CA PRO A 114 8.11 -7.29 -0.98
C PRO A 114 7.44 -6.30 0.00
N MET A 115 6.77 -6.81 1.04
CA MET A 115 5.99 -5.97 1.95
C MET A 115 6.71 -5.56 3.19
N VAL A 116 7.89 -6.14 3.47
CA VAL A 116 8.76 -5.67 4.53
C VAL A 116 9.75 -4.68 3.90
N ASN A 117 10.29 -3.74 4.70
CA ASN A 117 11.17 -2.70 4.17
C ASN A 117 12.35 -3.23 3.33
N ALA A 118 13.02 -4.25 3.83
CA ALA A 118 14.13 -4.90 3.11
C ALA A 118 13.71 -5.35 1.71
N GLY A 119 12.55 -5.97 1.57
CA GLY A 119 12.05 -6.39 0.26
C GLY A 119 11.61 -5.25 -0.62
N ALA A 120 10.97 -4.25 -0.03
CA ALA A 120 10.57 -3.05 -0.78
C ALA A 120 11.79 -2.28 -1.29
N ILE A 121 12.85 -2.21 -0.49
CA ILE A 121 14.11 -1.56 -0.91
C ILE A 121 14.73 -2.29 -2.09
N VAL A 122 14.76 -3.63 -2.04
CA VAL A 122 15.19 -4.45 -3.18
C VAL A 122 14.28 -4.29 -4.41
N VAL A 123 12.96 -4.36 -4.26
CA VAL A 123 12.05 -4.08 -5.37
C VAL A 123 12.31 -2.71 -6.03
N THR A 124 12.51 -1.68 -5.19
CA THR A 124 12.85 -0.35 -5.66
C THR A 124 14.11 -0.36 -6.55
N SER A 125 15.12 -1.17 -6.21
CA SER A 125 16.33 -1.32 -7.04
C SER A 125 16.14 -1.99 -8.40
N LEU A 126 15.00 -2.65 -8.61
CA LEU A 126 14.72 -3.38 -9.84
C LEU A 126 13.98 -2.52 -10.87
N ILE A 127 13.31 -1.46 -10.42
CA ILE A 127 12.47 -0.65 -11.31
C ILE A 127 13.29 0.29 -12.19
N LYS A 128 12.98 0.24 -13.49
CA LYS A 128 13.53 1.16 -14.50
C LYS A 128 15.05 1.37 -14.35
N GLN A 129 15.80 0.27 -14.35
CA GLN A 129 17.25 0.32 -14.09
C GLN A 129 17.97 1.05 -15.25
N GLY A 130 19.05 1.74 -14.90
CA GLY A 130 19.84 2.43 -15.92
C GLY A 130 19.53 3.89 -16.19
N VAL A 131 18.35 4.38 -15.78
CA VAL A 131 18.06 5.83 -15.84
C VAL A 131 18.33 6.48 -14.48
N ASN A 132 18.38 7.82 -14.45
CA ASN A 132 18.60 8.54 -13.21
C ASN A 132 17.34 8.57 -12.36
N ASN A 133 17.47 8.97 -11.10
CA ASN A 133 16.38 8.91 -10.16
C ASN A 133 15.17 9.76 -10.59
N ALA A 134 15.41 10.93 -11.18
CA ALA A 134 14.33 11.78 -11.65
C ALA A 134 13.47 11.11 -12.71
N GLU A 135 14.08 10.33 -13.59
CA GLU A 135 13.34 9.59 -14.62
C GLU A 135 12.63 8.36 -14.02
N LYS A 136 13.29 7.68 -13.09
CA LYS A 136 12.66 6.58 -12.34
C LYS A 136 11.41 7.07 -11.59
N PHE A 137 11.56 8.17 -10.88
CA PHE A 137 10.45 8.78 -10.15
C PHE A 137 9.28 9.19 -11.05
N ASP A 138 9.58 9.88 -12.15
CA ASP A 138 8.58 10.28 -13.12
C ASP A 138 7.87 9.07 -13.74
N TYR A 139 8.63 8.02 -14.02
CA TYR A 139 8.06 6.79 -14.52
C TYR A 139 7.01 6.20 -13.54
N VAL A 140 7.38 6.03 -12.28
CA VAL A 140 6.44 5.53 -11.29
C VAL A 140 5.26 6.48 -11.08
N MET A 141 5.51 7.80 -11.04
CA MET A 141 4.41 8.76 -10.88
C MET A 141 3.38 8.64 -12.00
N GLN A 142 3.86 8.45 -13.21
CA GLN A 142 2.97 8.28 -14.35
C GLN A 142 2.18 6.95 -14.25
N PHE A 143 2.82 5.93 -13.68
CA PHE A 143 2.19 4.64 -13.48
C PHE A 143 1.07 4.75 -12.47
N LEU A 144 1.31 5.47 -11.39
CA LEU A 144 0.28 5.66 -10.36
C LEU A 144 -0.88 6.50 -10.88
N ASN A 145 -0.58 7.48 -11.75
CA ASN A 145 -1.64 8.24 -12.46
C ASN A 145 -2.56 7.31 -13.24
N LYS A 146 -2.00 6.38 -14.03
CA LYS A 146 -2.81 5.36 -14.73
C LYS A 146 -3.67 4.50 -13.76
N MET A 147 -3.07 4.09 -12.64
CA MET A 147 -3.76 3.26 -11.66
C MET A 147 -4.91 4.01 -11.06
N ALA A 148 -4.73 5.32 -10.87
CA ALA A 148 -5.72 6.21 -10.22
C ALA A 148 -6.71 6.87 -11.21
N GLY A 149 -6.64 6.52 -12.50
CA GLY A 149 -7.43 7.17 -13.53
C GLY A 149 -7.22 8.68 -13.53
N ASN A 150 -5.96 9.10 -13.38
CA ASN A 150 -5.58 10.52 -13.34
C ASN A 150 -6.12 11.36 -12.19
N GLU A 151 -6.61 10.72 -11.12
CA GLU A 151 -7.00 11.47 -9.91
C GLU A 151 -5.78 11.83 -9.06
N TYR A 152 -6.01 12.40 -7.89
CA TYR A 152 -4.97 13.02 -7.07
C TYR A 152 -3.78 12.10 -6.81
N VAL A 153 -2.63 12.48 -7.37
CA VAL A 153 -1.37 11.87 -7.01
C VAL A 153 -0.34 12.96 -6.86
N GLY A 154 0.19 13.15 -5.64
CA GLY A 154 1.13 14.23 -5.37
C GLY A 154 2.40 13.77 -4.68
N PHE A 155 3.10 14.72 -4.09
CA PHE A 155 4.37 14.42 -3.46
C PHE A 155 4.62 15.33 -2.28
N SER A 156 5.01 14.75 -1.14
CA SER A 156 5.39 15.53 0.02
C SER A 156 6.91 15.62 0.16
N ASN A 157 7.45 16.78 -0.19
CA ASN A 157 8.88 17.01 -0.09
C ASN A 157 9.32 17.08 1.37
N ALA A 158 8.54 17.73 2.23
CA ALA A 158 8.78 17.74 3.68
C ALA A 158 8.87 16.32 4.29
N THR A 159 7.98 15.42 3.88
CA THR A 159 8.04 14.03 4.34
C THR A 159 9.29 13.34 3.82
N PHE A 160 9.60 13.53 2.55
CA PHE A 160 10.80 12.95 1.92
C PHE A 160 12.06 13.38 2.64
N GLN A 161 12.22 14.68 2.87
CA GLN A 161 13.39 15.19 3.58
C GLN A 161 13.50 14.66 5.01
N SER A 162 12.42 14.66 5.78
CA SER A 162 12.48 14.11 7.18
C SER A 162 12.74 12.59 7.19
N GLU A 163 12.07 11.90 6.29
CA GLU A 163 12.16 10.43 6.11
C GLU A 163 13.65 10.01 5.85
N ARG A 164 14.32 10.75 5.00
CA ARG A 164 15.71 10.49 4.72
C ARG A 164 16.67 10.91 5.85
N GLU A 165 16.40 12.04 6.52
CA GLU A 165 17.22 12.51 7.65
C GLU A 165 17.08 11.60 8.87
N SER A 166 15.92 11.00 9.07
CA SER A 166 15.67 10.21 10.26
C SER A 166 15.64 8.68 10.02
N GLY A 167 15.91 8.20 8.81
CA GLY A 167 15.77 6.78 8.48
C GLY A 167 17.00 5.91 8.71
N ASP A 168 17.53 5.97 9.93
CA ASP A 168 18.72 5.21 10.33
C ASP A 168 18.53 3.71 10.13
N ARG A 169 17.37 3.20 10.51
CA ARG A 169 17.05 1.78 10.30
C ARG A 169 17.11 1.36 8.83
N ASN A 170 16.56 2.19 7.95
CA ASN A 170 16.54 1.90 6.54
C ASN A 170 17.93 1.95 5.92
N PHE A 171 18.79 2.84 6.40
CA PHE A 171 20.20 2.87 6.00
C PHE A 171 20.95 1.62 6.45
N ALA A 172 20.67 1.14 7.68
CA ALA A 172 21.24 -0.09 8.19
C ALA A 172 20.83 -1.27 7.32
N ILE A 173 19.55 -1.34 6.97
CA ILE A 173 19.04 -2.35 6.04
C ILE A 173 19.75 -2.26 4.67
N GLY A 174 19.82 -1.06 4.09
CA GLY A 174 20.50 -0.86 2.80
C GLY A 174 21.91 -1.41 2.76
N TYR A 175 22.72 -1.06 3.76
CA TYR A 175 24.11 -1.49 3.84
C TYR A 175 24.21 -2.98 4.07
N TYR A 176 23.24 -3.52 4.80
CA TYR A 176 23.13 -4.95 5.06
C TYR A 176 22.82 -5.74 3.79
N LEU A 177 21.89 -5.22 3.00
CA LEU A 177 21.55 -5.78 1.70
C LEU A 177 22.74 -5.69 0.72
N LYS A 178 23.49 -4.59 0.81
CA LYS A 178 24.67 -4.40 0.00
C LYS A 178 25.70 -5.48 0.36
N GLU A 179 25.92 -5.68 1.65
CA GLU A 179 26.86 -6.69 2.10
C GLU A 179 26.48 -8.13 1.72
N LYS A 180 25.19 -8.44 1.68
CA LYS A 180 24.73 -9.79 1.29
C LYS A 180 24.47 -9.92 -0.20
N LYS A 181 24.79 -8.89 -0.98
CA LYS A 181 24.72 -8.96 -2.44
C LYS A 181 23.29 -9.11 -2.94
N CYS A 182 22.37 -8.42 -2.29
CA CYS A 182 20.93 -8.58 -2.60
C CYS A 182 20.46 -7.78 -3.79
N PHE A 183 21.29 -6.85 -4.27
CA PHE A 183 20.90 -5.92 -5.34
C PHE A 183 21.38 -6.37 -6.71
N PRO A 184 20.66 -5.99 -7.79
CA PRO A 184 21.24 -6.22 -9.10
C PRO A 184 22.62 -5.57 -9.27
N GLU A 185 23.47 -6.18 -10.09
CA GLU A 185 24.78 -5.63 -10.45
C GLU A 185 24.70 -4.16 -10.88
N GLY A 186 25.55 -3.32 -10.28
CA GLY A 186 25.66 -1.92 -10.70
C GLY A 186 24.69 -0.98 -10.01
N THR A 187 24.25 -1.36 -8.81
CA THR A 187 23.26 -0.61 -8.06
C THR A 187 23.98 0.38 -7.17
N ASP A 188 23.54 1.63 -7.22
CA ASP A 188 23.93 2.64 -6.25
C ASP A 188 22.93 2.56 -5.05
N MET A 189 23.35 1.92 -3.97
CA MET A 189 22.43 1.62 -2.87
C MET A 189 21.87 2.91 -2.24
N VAL A 190 22.73 3.88 -1.96
CA VAL A 190 22.32 5.13 -1.34
C VAL A 190 21.30 5.87 -2.23
N GLY A 191 21.48 5.83 -3.54
CA GLY A 191 20.53 6.42 -4.48
C GLY A 191 19.23 5.66 -4.52
N ILE A 192 19.28 4.34 -4.32
CA ILE A 192 18.07 3.53 -4.19
C ILE A 192 17.29 3.87 -2.91
N LEU A 193 17.97 4.08 -1.79
CA LEU A 193 17.30 4.54 -0.56
C LEU A 193 16.56 5.86 -0.75
N ASP A 194 17.19 6.84 -1.40
CA ASP A 194 16.51 8.09 -1.77
C ASP A 194 15.24 7.87 -2.54
N PHE A 195 15.31 7.03 -3.58
CA PHE A 195 14.15 6.72 -4.41
C PHE A 195 13.06 6.08 -3.54
N TYR A 196 13.45 5.18 -2.65
CA TYR A 196 12.57 4.55 -1.68
C TYR A 196 11.87 5.56 -0.76
N PHE A 197 12.64 6.44 -0.15
CA PHE A 197 12.10 7.56 0.62
C PHE A 197 11.09 8.41 -0.16
N GLN A 198 11.42 8.71 -1.40
CA GLN A 198 10.54 9.43 -2.31
C GLN A 198 9.23 8.75 -2.58
N LEU A 199 9.30 7.42 -2.79
CA LEU A 199 8.10 6.64 -3.05
C LEU A 199 7.17 6.59 -1.84
N CYS A 200 7.75 6.51 -0.64
CA CYS A 200 6.96 6.60 0.61
C CYS A 200 6.19 7.92 0.76
N SER A 201 6.73 8.98 0.16
CA SER A 201 6.26 10.36 0.32
C SER A 201 5.26 10.81 -0.75
N ILE A 202 4.84 9.88 -1.61
CA ILE A 202 3.80 10.13 -2.59
C ILE A 202 2.45 10.26 -1.85
N GLU A 203 1.68 11.27 -2.25
CA GLU A 203 0.45 11.67 -1.58
C GLU A 203 -0.73 11.30 -2.43
N VAL A 204 -1.75 10.77 -1.76
CA VAL A 204 -3.02 10.42 -2.37
C VAL A 204 -4.10 10.99 -1.46
N THR A 205 -5.33 10.87 -1.91
CA THR A 205 -6.52 11.06 -1.09
C THR A 205 -7.21 9.68 -1.03
N CYS A 206 -8.14 9.49 -0.09
CA CYS A 206 -8.95 8.26 -0.07
C CYS A 206 -9.59 8.01 -1.41
N GLU A 207 -10.12 9.07 -2.02
CA GLU A 207 -10.74 9.02 -3.33
C GLU A 207 -9.86 8.48 -4.43
N SER A 208 -8.67 9.04 -4.60
CA SER A 208 -7.75 8.57 -5.65
C SER A 208 -7.12 7.20 -5.36
N ALA A 209 -6.84 6.91 -4.10
CA ALA A 209 -6.29 5.60 -3.71
C ALA A 209 -7.30 4.48 -3.89
N SER A 210 -8.59 4.77 -3.68
CA SER A 210 -9.64 3.76 -3.90
C SER A 210 -9.66 3.27 -5.35
N VAL A 211 -9.33 4.14 -6.28
CA VAL A 211 -9.29 3.77 -7.71
C VAL A 211 -8.09 2.89 -8.02
N MET A 212 -6.96 3.17 -7.37
CA MET A 212 -5.79 2.32 -7.45
C MET A 212 -6.14 0.90 -6.96
N ALA A 213 -6.85 0.83 -5.85
CA ALA A 213 -7.27 -0.45 -5.30
C ALA A 213 -8.28 -1.15 -6.23
N ALA A 214 -9.16 -0.37 -6.85
CA ALA A 214 -10.16 -0.88 -7.81
C ALA A 214 -9.52 -1.47 -9.07
N THR A 215 -8.39 -0.89 -9.49
CA THR A 215 -7.60 -1.41 -10.61
C THR A 215 -7.05 -2.83 -10.27
N LEU A 216 -6.59 -3.01 -9.03
CA LEU A 216 -6.15 -4.32 -8.57
C LEU A 216 -7.36 -5.27 -8.45
N ALA A 217 -8.51 -4.79 -8.00
CA ALA A 217 -9.76 -5.58 -7.90
C ALA A 217 -10.34 -6.03 -9.27
N ASN A 218 -9.95 -5.32 -10.32
CA ASN A 218 -10.49 -5.44 -11.67
C ASN A 218 -9.45 -5.99 -12.68
N GLY A 219 -8.59 -6.91 -12.23
CA GLY A 219 -7.66 -7.59 -13.13
C GLY A 219 -6.57 -6.75 -13.78
N GLY A 220 -6.29 -5.56 -13.24
CA GLY A 220 -5.29 -4.64 -13.81
C GLY A 220 -5.83 -3.61 -14.79
N PHE A 221 -7.15 -3.60 -15.00
CA PHE A 221 -7.81 -2.56 -15.77
C PHE A 221 -8.34 -1.47 -14.83
N CYS A 222 -8.03 -0.20 -15.12
CA CYS A 222 -8.59 0.90 -14.33
C CYS A 222 -10.07 1.04 -14.66
N PRO A 223 -10.96 1.03 -13.64
CA PRO A 223 -12.40 1.03 -13.88
C PRO A 223 -13.03 2.34 -14.37
N ILE A 224 -12.34 3.48 -14.20
CA ILE A 224 -12.92 4.77 -14.61
C ILE A 224 -12.35 5.29 -15.95
N THR A 225 -11.36 4.59 -16.49
CA THR A 225 -10.83 4.84 -17.84
C THR A 225 -10.92 3.61 -18.75
N GLY A 226 -10.89 2.41 -18.20
CA GLY A 226 -10.93 1.18 -19.00
C GLY A 226 -9.59 0.66 -19.51
N GLU A 227 -8.50 1.37 -19.23
CA GLU A 227 -7.17 0.99 -19.71
C GLU A 227 -6.53 -0.14 -18.95
N ARG A 228 -5.82 -1.00 -19.66
CA ARG A 228 -4.99 -2.00 -19.02
C ARG A 228 -3.76 -1.30 -18.46
N VAL A 229 -3.60 -1.34 -17.14
CA VAL A 229 -2.46 -0.72 -16.46
C VAL A 229 -1.43 -1.76 -16.01
N LEU A 230 -1.91 -2.90 -15.51
CA LEU A 230 -1.03 -3.95 -15.00
C LEU A 230 -1.37 -5.31 -15.63
N SER A 231 -0.35 -6.15 -15.83
CA SER A 231 -0.57 -7.51 -16.35
C SER A 231 -1.37 -8.35 -15.33
N PRO A 232 -2.13 -9.35 -15.81
CA PRO A 232 -2.80 -10.33 -14.93
C PRO A 232 -1.90 -10.95 -13.86
N GLU A 233 -0.67 -11.28 -14.25
CA GLU A 233 0.35 -11.88 -13.39
C GLU A 233 0.77 -10.91 -12.25
N ALA A 234 1.05 -9.65 -12.61
CA ALA A 234 1.37 -8.61 -11.64
C ALA A 234 0.29 -8.46 -10.59
N VAL A 235 -0.96 -8.39 -11.03
CA VAL A 235 -2.10 -8.21 -10.15
C VAL A 235 -2.25 -9.41 -9.21
N ARG A 236 -2.20 -10.62 -9.79
CA ARG A 236 -2.34 -11.84 -9.02
C ARG A 236 -1.26 -12.04 -7.94
N ASN A 237 0.01 -11.80 -8.31
CA ASN A 237 1.11 -11.86 -7.36
C ASN A 237 0.93 -10.86 -6.21
N THR A 238 0.51 -9.64 -6.56
CA THR A 238 0.35 -8.55 -5.59
C THR A 238 -0.75 -8.88 -4.59
N LEU A 239 -1.90 -9.32 -5.09
CA LEU A 239 -3.01 -9.73 -4.21
C LEU A 239 -2.64 -10.88 -3.25
N SER A 240 -1.85 -11.83 -3.73
CA SER A 240 -1.42 -12.98 -2.92
C SER A 240 -0.61 -12.50 -1.76
N LEU A 241 0.38 -11.64 -2.05
CA LEU A 241 1.26 -11.07 -1.02
C LEU A 241 0.59 -10.03 -0.11
N MET A 242 -0.45 -9.35 -0.59
CA MET A 242 -1.21 -8.44 0.27
C MET A 242 -2.08 -9.24 1.25
N HIS A 243 -2.54 -10.39 0.78
CA HIS A 243 -3.31 -11.28 1.61
C HIS A 243 -2.49 -11.84 2.78
N SER A 244 -1.25 -12.24 2.54
CA SER A 244 -0.44 -12.84 3.60
C SER A 244 0.49 -11.89 4.38
N CYS A 245 0.88 -10.76 3.78
CA CYS A 245 1.96 -9.92 4.31
C CYS A 245 1.63 -8.44 4.44
N GLY A 246 0.39 -8.06 4.21
CA GLY A 246 0.05 -6.62 4.07
C GLY A 246 -0.21 -5.81 5.32
N MET A 247 -0.33 -6.47 6.48
CA MET A 247 -0.82 -5.79 7.68
C MET A 247 0.13 -5.87 8.87
N TYR A 248 1.43 -5.82 8.54
CA TYR A 248 2.50 -5.99 9.53
C TYR A 248 2.28 -7.30 10.34
N ASP A 249 2.52 -7.28 11.66
CA ASP A 249 2.34 -8.47 12.51
C ASP A 249 0.89 -8.87 12.73
N PHE A 250 -0.04 -8.07 12.23
CA PHE A 250 -1.46 -8.45 12.25
C PHE A 250 -1.84 -9.22 11.01
N SER A 251 -0.92 -9.43 10.07
CA SER A 251 -1.27 -10.04 8.78
C SER A 251 -1.97 -11.41 8.90
N GLY A 252 -1.50 -12.26 9.81
CA GLY A 252 -2.11 -13.59 10.02
C GLY A 252 -3.54 -13.53 10.49
N GLN A 253 -3.76 -12.72 11.53
CA GLN A 253 -5.10 -12.50 12.08
C GLN A 253 -6.06 -11.84 11.11
N PHE A 254 -5.55 -10.92 10.31
CA PHE A 254 -6.37 -10.26 9.29
C PHE A 254 -6.79 -11.24 8.19
N ALA A 255 -5.84 -12.06 7.74
CA ALA A 255 -6.13 -13.16 6.79
C ALA A 255 -7.22 -14.11 7.35
N PHE A 256 -7.08 -14.51 8.60
CA PHE A 256 -8.07 -15.35 9.25
C PHE A 256 -9.45 -14.71 9.34
N HIS A 257 -9.55 -13.50 9.94
CA HIS A 257 -10.87 -12.90 10.23
C HIS A 257 -11.47 -12.09 9.09
N VAL A 258 -10.64 -11.54 8.22
CA VAL A 258 -11.15 -10.65 7.18
C VAL A 258 -11.02 -11.28 5.80
N GLY A 259 -9.87 -11.86 5.51
CA GLY A 259 -9.68 -12.69 4.32
C GLY A 259 -9.73 -11.94 3.02
N LEU A 260 -9.27 -10.69 3.05
CA LEU A 260 -9.17 -9.86 1.85
C LEU A 260 -7.73 -9.38 1.71
N PRO A 261 -7.27 -9.19 0.47
CA PRO A 261 -5.99 -8.50 0.30
C PRO A 261 -6.07 -7.02 0.71
N ALA A 262 -5.22 -6.61 1.65
CA ALA A 262 -5.15 -5.25 2.16
C ALA A 262 -3.69 -4.86 2.35
N LYS A 263 -3.40 -3.55 2.34
CA LYS A 263 -2.07 -3.04 2.78
C LYS A 263 -2.22 -1.82 3.64
N SER A 264 -1.64 -1.84 4.83
CA SER A 264 -1.62 -0.68 5.69
C SER A 264 -0.31 0.13 5.61
N GLY A 265 -0.40 1.38 6.08
CA GLY A 265 0.74 2.30 6.18
C GLY A 265 0.61 3.15 7.43
N VAL A 266 1.72 3.79 7.78
CA VAL A 266 1.91 4.53 9.04
C VAL A 266 1.22 5.88 9.04
N ALA A 267 0.77 6.33 7.87
CA ALA A 267 -0.09 7.53 7.75
C ALA A 267 -1.50 7.20 8.19
N GLY A 268 -1.80 5.91 8.35
CA GLY A 268 -3.14 5.50 8.78
C GLY A 268 -4.03 5.02 7.66
N GLY A 269 -3.45 4.83 6.48
CA GLY A 269 -4.19 4.28 5.35
C GLY A 269 -4.28 2.75 5.35
N ILE A 270 -5.41 2.23 4.86
CA ILE A 270 -5.56 0.82 4.54
C ILE A 270 -6.10 0.71 3.14
N LEU A 271 -5.26 0.20 2.24
CA LEU A 271 -5.67 -0.08 0.86
C LEU A 271 -6.28 -1.47 0.83
N LEU A 272 -7.57 -1.55 0.49
CA LEU A 272 -8.30 -2.81 0.56
C LEU A 272 -8.84 -3.19 -0.81
N VAL A 273 -8.66 -4.47 -1.16
CA VAL A 273 -9.16 -4.99 -2.42
C VAL A 273 -10.21 -6.08 -2.12
N VAL A 274 -11.37 -5.93 -2.74
CA VAL A 274 -12.39 -6.97 -2.76
C VAL A 274 -12.45 -7.42 -4.21
N PRO A 275 -11.73 -8.51 -4.53
CA PRO A 275 -11.55 -8.97 -5.91
C PRO A 275 -12.85 -9.14 -6.69
N ASN A 276 -12.89 -8.54 -7.89
CA ASN A 276 -14.02 -8.61 -8.80
C ASN A 276 -15.23 -7.80 -8.30
N VAL A 277 -15.05 -7.02 -7.22
CA VAL A 277 -16.16 -6.22 -6.68
C VAL A 277 -15.78 -4.74 -6.59
N MET A 278 -14.72 -4.44 -5.86
CA MET A 278 -14.36 -3.06 -5.61
C MET A 278 -12.97 -2.85 -4.99
N GLY A 279 -12.54 -1.59 -5.01
CA GLY A 279 -11.44 -1.14 -4.21
C GLY A 279 -11.90 -0.11 -3.20
N MET A 280 -11.18 -0.06 -2.07
CA MET A 280 -11.41 0.94 -1.05
C MET A 280 -10.12 1.47 -0.50
N MET A 281 -10.18 2.70 0.01
CA MET A 281 -9.16 3.25 0.87
C MET A 281 -9.87 3.81 2.11
N CYS A 282 -9.45 3.32 3.27
CA CYS A 282 -9.84 3.81 4.58
C CYS A 282 -8.67 4.56 5.12
N TRP A 283 -8.90 5.69 5.76
CA TRP A 283 -7.80 6.44 6.36
C TRP A 283 -8.15 7.10 7.68
N SER A 284 -7.34 6.85 8.69
CA SER A 284 -7.45 7.50 9.97
C SER A 284 -6.08 7.43 10.64
N PRO A 285 -5.46 8.59 10.88
CA PRO A 285 -4.13 8.61 11.46
C PRO A 285 -3.79 7.76 12.71
N PRO A 286 -4.69 7.70 13.74
CA PRO A 286 -4.26 6.99 14.96
C PRO A 286 -4.09 5.46 14.75
N LEU A 287 -2.90 4.96 15.10
CA LEU A 287 -2.53 3.57 14.86
C LEU A 287 -2.59 2.77 16.16
N ASP A 288 -2.97 1.50 16.04
CA ASP A 288 -2.84 0.54 17.18
C ASP A 288 -1.36 0.12 17.38
N LYS A 289 -1.12 -0.72 18.39
CA LYS A 289 0.21 -1.29 18.69
C LYS A 289 0.91 -2.02 17.54
N MET A 290 0.14 -2.53 16.60
CA MET A 290 0.69 -3.24 15.44
C MET A 290 1.03 -2.31 14.28
N GLY A 291 0.63 -1.04 14.40
CA GLY A 291 0.89 -0.01 13.37
C GLY A 291 -0.25 0.18 12.37
N ASN A 292 -1.39 -0.43 12.64
CA ASN A 292 -2.58 -0.33 11.78
C ASN A 292 -3.62 0.66 12.33
N SER A 293 -4.22 1.42 11.41
CA SER A 293 -5.31 2.35 11.71
C SER A 293 -6.40 1.68 12.53
N VAL A 294 -6.64 2.19 13.74
CA VAL A 294 -7.68 1.66 14.63
C VAL A 294 -9.06 1.64 13.97
N LYS A 295 -9.49 2.74 13.38
CA LYS A 295 -10.85 2.84 12.79
C LYS A 295 -10.98 1.99 11.54
N GLY A 296 -9.90 1.91 10.77
CA GLY A 296 -9.89 1.13 9.55
C GLY A 296 -9.88 -0.36 9.79
N ILE A 297 -9.14 -0.84 10.81
CA ILE A 297 -9.23 -2.25 11.22
C ILE A 297 -10.67 -2.61 11.69
N HIS A 298 -11.25 -1.76 12.53
CA HIS A 298 -12.65 -1.93 12.93
C HIS A 298 -13.59 -1.95 11.73
N PHE A 299 -13.46 -0.98 10.85
CA PHE A 299 -14.30 -0.91 9.64
C PHE A 299 -14.19 -2.20 8.78
N CYS A 300 -12.97 -2.70 8.61
CA CYS A 300 -12.73 -3.89 7.80
C CYS A 300 -13.38 -5.16 8.37
N HIS A 301 -13.31 -5.32 9.69
CA HIS A 301 -13.97 -6.46 10.35
C HIS A 301 -15.48 -6.42 10.14
N ASP A 302 -16.08 -5.26 10.42
CA ASP A 302 -17.49 -5.00 10.18
C ASP A 302 -17.95 -5.20 8.75
N LEU A 303 -17.15 -4.73 7.79
CA LEU A 303 -17.50 -4.83 6.37
C LEU A 303 -17.65 -6.28 5.89
N VAL A 304 -16.74 -7.13 6.34
CA VAL A 304 -16.75 -8.54 5.96
C VAL A 304 -17.89 -9.30 6.63
N SER A 305 -18.20 -8.96 7.89
CA SER A 305 -19.39 -9.50 8.59
C SER A 305 -20.69 -9.16 7.88
N LEU A 306 -20.90 -7.90 7.58
CA LEU A 306 -22.10 -7.44 6.90
C LEU A 306 -22.25 -8.04 5.52
N CYS A 307 -21.20 -7.97 4.71
CA CYS A 307 -21.29 -8.23 3.26
C CYS A 307 -20.82 -9.59 2.77
N ASN A 308 -20.25 -10.41 3.64
CA ASN A 308 -19.82 -11.76 3.24
C ASN A 308 -18.78 -11.74 2.12
N PHE A 309 -17.75 -10.93 2.30
CA PHE A 309 -16.69 -10.71 1.30
C PHE A 309 -15.43 -11.55 1.54
N HIS A 310 -15.38 -12.25 2.66
CA HIS A 310 -14.26 -13.15 3.00
C HIS A 310 -13.89 -14.06 1.81
N ASN A 311 -12.59 -14.22 1.58
CA ASN A 311 -12.03 -15.20 0.65
C ASN A 311 -12.81 -16.53 0.62
N TYR A 312 -13.00 -17.12 1.80
CA TYR A 312 -13.57 -18.46 1.93
C TYR A 312 -14.97 -18.46 2.54
N ASP A 313 -15.67 -17.32 2.46
CA ASP A 313 -17.13 -17.31 2.45
C ASP A 313 -17.54 -17.96 1.14
#